data_6UHZ
#
_entry.id   6UHZ
#
_cell.length_a   134.374
_cell.length_b   46.903
_cell.length_c   112.462
_cell.angle_alpha   90.000
_cell.angle_beta   117.610
_cell.angle_gamma   90.000
#
_symmetry.space_group_name_H-M   'C 1 2 1'
#
loop_
_entity.id
_entity.type
_entity.pdbx_description
1 polymer WDR5
2 non-polymer '1-cyclohexyl-1H-benzotriazole-5-carboxylic acid'
3 water water
#
_entity_poly.entity_id   1
_entity_poly.type   'polypeptide(L)'
_entity_poly.pdbx_seq_one_letter_code
;VKPNYALKFTLAGHTKAVSSVKFSPNGEWLASSSADKLIKIWGAYDGKFEKTISGHKLGISDVAWSSDSNLLVSASDDKT
LKIWDVSSGKCLKTLKGHSNYVFCCNFNPQSNLIVSGSFDESVRIWDVKTGKCLKTLPAHSDPVSAVHFNRDGSLIVSSS
YDGLCRIWDTASGQCLKTLIDDDNPPVSFVKFSPNGKYILAATLDNTLKLWDYSKGKCLKTYTGHKNEKYCIFANFSVTG
GKWIVSGSEDNLVYIWNLQTKEIVQKLQGHTDVVISTACHPTENIIASAALENDKTIKLWKSDC
;
_entity_poly.pdbx_strand_id   A,B
#
# COMPACT_ATOMS: atom_id res chain seq x y z
N VAL A 1 -4.32 31.32 0.04
CA VAL A 1 -3.41 30.26 0.55
C VAL A 1 -2.33 29.97 -0.51
N LYS A 2 -1.11 30.26 -0.14
CA LYS A 2 0.00 30.07 -1.05
C LYS A 2 1.16 29.45 -0.29
N PRO A 3 2.00 28.65 -0.94
CA PRO A 3 3.22 28.17 -0.29
C PRO A 3 4.29 29.25 -0.35
N ASN A 4 5.36 29.04 0.40
CA ASN A 4 6.46 29.99 0.47
C ASN A 4 7.80 29.26 0.34
N TYR A 5 7.92 28.41 -0.68
CA TYR A 5 9.15 27.68 -0.91
C TYR A 5 10.34 28.62 -1.03
N ALA A 6 11.39 28.32 -0.27
CA ALA A 6 12.61 29.12 -0.27
C ALA A 6 13.79 28.17 -0.39
N LEU A 7 14.85 28.67 -1.02
CA LEU A 7 16.00 27.83 -1.32
C LEU A 7 16.78 27.49 -0.06
N LYS A 8 17.08 26.20 0.11
CA LYS A 8 17.84 25.72 1.26
C LYS A 8 19.21 25.22 0.89
N PHE A 9 19.35 24.53 -0.23
CA PHE A 9 20.64 23.95 -0.61
C PHE A 9 20.73 23.90 -2.13
N THR A 10 21.96 24.04 -2.61
CA THR A 10 22.27 23.87 -4.03
C THR A 10 23.33 22.77 -4.14
N LEU A 11 23.02 21.75 -4.93
CA LEU A 11 23.81 20.53 -5.03
C LEU A 11 24.44 20.48 -6.41
N ALA A 12 25.71 20.13 -6.48
CA ALA A 12 26.45 20.03 -7.73
C ALA A 12 27.23 18.73 -7.74
N GLY A 13 27.44 18.18 -8.93
CA GLY A 13 28.25 16.99 -9.05
C GLY A 13 28.14 16.30 -10.40
N HIS A 14 26.94 16.26 -10.96
CA HIS A 14 26.79 15.69 -12.28
C HIS A 14 27.57 16.52 -13.30
N THR A 15 28.04 15.87 -14.36
CA THR A 15 28.87 16.52 -15.36
C THR A 15 28.18 16.72 -16.70
N LYS A 16 26.95 16.23 -16.86
CA LYS A 16 26.11 16.52 -18.00
C LYS A 16 24.71 16.77 -17.48
N ALA A 17 23.78 17.03 -18.39
CA ALA A 17 22.42 17.37 -18.01
C ALA A 17 21.81 16.33 -17.07
N VAL A 18 21.15 16.81 -16.02
CA VAL A 18 20.32 15.95 -15.20
C VAL A 18 19.03 15.66 -15.96
N SER A 19 18.51 14.44 -15.78
CA SER A 19 17.28 14.03 -16.43
C SER A 19 16.14 13.81 -15.46
N SER A 20 16.41 13.43 -14.21
N SER A 20 16.41 13.36 -14.23
CA SER A 20 15.33 13.03 -13.30
CA SER A 20 15.34 13.13 -13.28
C SER A 20 15.83 13.09 -11.86
C SER A 20 15.88 13.26 -11.87
N VAL A 21 14.98 13.59 -10.96
CA VAL A 21 15.21 13.53 -9.52
C VAL A 21 14.00 12.87 -8.88
N LYS A 22 14.24 12.04 -7.85
CA LYS A 22 13.17 11.31 -7.17
C LYS A 22 13.54 11.16 -5.70
N PHE A 23 12.61 11.49 -4.80
CA PHE A 23 12.81 11.20 -3.39
C PHE A 23 12.45 9.75 -3.08
N SER A 24 13.24 9.13 -2.20
CA SER A 24 12.92 7.78 -1.77
C SER A 24 11.62 7.78 -0.96
N PRO A 25 10.84 6.69 -1.04
CA PRO A 25 9.58 6.65 -0.30
C PRO A 25 9.73 6.83 1.21
N ASN A 26 10.87 6.44 1.78
CA ASN A 26 11.09 6.64 3.21
C ASN A 26 11.57 8.06 3.54
N GLY A 27 11.70 8.93 2.55
CA GLY A 27 12.05 10.31 2.77
C GLY A 27 13.53 10.59 3.01
N GLU A 28 14.36 9.56 3.07
N GLU A 28 14.35 9.56 3.06
CA GLU A 28 15.77 9.77 3.47
CA GLU A 28 15.75 9.79 3.46
C GLU A 28 16.69 10.24 2.35
C GLU A 28 16.70 10.23 2.34
N TRP A 29 16.33 9.97 1.10
CA TRP A 29 17.27 10.19 0.00
C TRP A 29 16.61 10.88 -1.18
N LEU A 30 17.44 11.60 -1.92
CA LEU A 30 17.13 12.03 -3.27
C LEU A 30 18.06 11.29 -4.22
N ALA A 31 17.48 10.67 -5.25
CA ALA A 31 18.25 10.10 -6.35
C ALA A 31 18.16 11.00 -7.57
N SER A 32 19.28 11.16 -8.26
CA SER A 32 19.33 11.90 -9.52
C SER A 32 19.96 11.04 -10.59
N SER A 33 19.48 11.21 -11.83
CA SER A 33 20.07 10.57 -12.99
C SER A 33 20.50 11.62 -13.99
N SER A 34 21.43 11.24 -14.86
CA SER A 34 22.03 12.21 -15.75
C SER A 34 22.49 11.58 -17.06
N ALA A 35 22.60 12.43 -18.07
CA ALA A 35 23.27 12.09 -19.32
C ALA A 35 24.72 11.68 -19.11
N ASP A 36 25.30 11.96 -17.93
CA ASP A 36 26.67 11.54 -17.64
C ASP A 36 26.77 10.06 -17.29
N LYS A 37 25.70 9.30 -17.43
CA LYS A 37 25.65 7.83 -17.23
C LYS A 37 25.60 7.46 -15.76
N LEU A 38 25.44 8.43 -14.86
CA LEU A 38 25.53 8.16 -13.43
C LEU A 38 24.20 8.42 -12.73
N ILE A 39 24.02 7.69 -11.63
CA ILE A 39 23.02 7.99 -10.62
C ILE A 39 23.76 8.51 -9.40
N LYS A 40 23.24 9.58 -8.80
CA LYS A 40 23.80 10.08 -7.56
C LYS A 40 22.73 10.07 -6.49
N ILE A 41 23.16 9.77 -5.26
CA ILE A 41 22.30 9.71 -4.09
C ILE A 41 22.72 10.84 -3.16
N TRP A 42 21.74 11.58 -2.65
CA TRP A 42 21.96 12.73 -1.79
C TRP A 42 21.03 12.65 -0.60
N GLY A 43 21.48 13.16 0.55
CA GLY A 43 20.59 13.27 1.70
C GLY A 43 19.43 14.18 1.38
N ALA A 44 18.20 13.74 1.65
CA ALA A 44 17.02 14.50 1.23
C ALA A 44 16.85 15.79 2.01
N TYR A 45 17.41 15.88 3.21
CA TYR A 45 17.15 16.97 4.14
C TYR A 45 18.23 18.04 4.12
N ASP A 46 19.49 17.63 3.99
CA ASP A 46 20.59 18.59 3.93
C ASP A 46 21.35 18.54 2.61
N GLY A 47 20.93 17.72 1.66
CA GLY A 47 21.58 17.63 0.38
C GLY A 47 22.96 17.00 0.39
N LYS A 48 23.38 16.39 1.50
CA LYS A 48 24.75 15.87 1.58
C LYS A 48 24.95 14.74 0.58
N PHE A 49 25.98 14.86 -0.25
CA PHE A 49 26.26 13.84 -1.24
C PHE A 49 26.56 12.51 -0.55
N GLU A 50 25.92 11.44 -1.02
CA GLU A 50 26.08 10.13 -0.42
C GLU A 50 26.91 9.20 -1.30
N LYS A 51 26.52 8.95 -2.54
CA LYS A 51 27.27 8.03 -3.37
C LYS A 51 26.90 8.22 -4.84
N THR A 52 27.77 7.71 -5.71
CA THR A 52 27.52 7.60 -7.13
C THR A 52 27.33 6.13 -7.48
N ILE A 53 26.34 5.85 -8.31
CA ILE A 53 26.05 4.49 -8.76
C ILE A 53 26.30 4.46 -10.26
N SER A 54 27.15 3.54 -10.71
N SER A 54 27.16 3.54 -10.69
CA SER A 54 27.62 3.56 -12.09
CA SER A 54 27.68 3.52 -12.05
C SER A 54 27.59 2.18 -12.71
C SER A 54 27.46 2.16 -12.69
N GLY A 55 27.42 2.15 -14.03
CA GLY A 55 27.39 0.91 -14.78
C GLY A 55 26.75 1.01 -16.14
N HIS A 56 25.79 1.91 -16.32
CA HIS A 56 25.22 2.10 -17.65
C HIS A 56 26.30 2.58 -18.61
N LYS A 57 26.12 2.23 -19.88
CA LYS A 57 27.13 2.55 -20.94
C LYS A 57 26.81 3.88 -21.63
N LEU A 58 25.59 4.35 -21.49
CA LEU A 58 25.17 5.61 -22.08
C LEU A 58 24.30 6.33 -21.05
N GLY A 59 23.82 7.51 -21.43
CA GLY A 59 23.11 8.36 -20.48
C GLY A 59 21.82 7.74 -19.99
N ILE A 60 21.35 8.28 -18.87
CA ILE A 60 20.16 7.77 -18.17
C ILE A 60 19.08 8.82 -18.26
N SER A 61 17.85 8.39 -18.58
CA SER A 61 16.71 9.30 -18.69
C SER A 61 15.84 9.34 -17.45
N ASP A 62 15.86 8.30 -16.62
CA ASP A 62 14.92 8.22 -15.52
C ASP A 62 15.44 7.21 -14.51
N VAL A 63 14.99 7.40 -13.27
N VAL A 63 15.08 7.44 -13.25
CA VAL A 63 15.29 6.50 -12.16
CA VAL A 63 15.26 6.47 -12.17
C VAL A 63 14.05 6.46 -11.28
C VAL A 63 13.99 6.42 -11.35
N ALA A 64 13.82 5.32 -10.62
CA ALA A 64 12.65 5.15 -9.77
C ALA A 64 12.99 4.21 -8.62
N TRP A 65 12.34 4.45 -7.48
CA TRP A 65 12.59 3.73 -6.24
C TRP A 65 11.56 2.62 -6.02
N SER A 66 12.03 1.52 -5.41
CA SER A 66 11.08 0.55 -4.86
C SER A 66 10.43 1.10 -3.60
N SER A 67 9.29 0.50 -3.23
CA SER A 67 8.52 1.04 -2.13
C SER A 67 9.25 0.97 -0.80
N ASP A 68 10.13 -0.01 -0.62
CA ASP A 68 10.91 -0.13 0.61
C ASP A 68 12.20 0.69 0.57
N SER A 69 12.41 1.50 -0.46
CA SER A 69 13.57 2.39 -0.59
C SER A 69 14.89 1.66 -0.73
N ASN A 70 14.88 0.35 -0.96
CA ASN A 70 16.11 -0.40 -1.05
C ASN A 70 16.63 -0.56 -2.48
N LEU A 71 15.74 -0.47 -3.47
CA LEU A 71 16.12 -0.69 -4.86
C LEU A 71 15.86 0.56 -5.67
N LEU A 72 16.66 0.73 -6.71
CA LEU A 72 16.40 1.69 -7.77
C LEU A 72 16.37 0.96 -9.10
N VAL A 73 15.55 1.45 -10.02
CA VAL A 73 15.63 1.05 -11.43
C VAL A 73 15.97 2.30 -12.24
N SER A 74 16.80 2.12 -13.26
CA SER A 74 17.20 3.21 -14.14
C SER A 74 16.94 2.81 -15.58
N ALA A 75 16.62 3.81 -16.40
CA ALA A 75 16.32 3.61 -17.81
C ALA A 75 17.37 4.36 -18.63
N SER A 76 18.01 3.66 -19.58
CA SER A 76 19.19 4.22 -20.26
C SER A 76 19.10 4.20 -21.78
N ASP A 77 19.85 5.13 -22.38
CA ASP A 77 20.08 5.11 -23.82
C ASP A 77 20.83 3.87 -24.27
N ASP A 78 21.44 3.10 -23.36
CA ASP A 78 22.09 1.86 -23.75
C ASP A 78 21.09 0.73 -24.03
N LYS A 79 19.79 1.04 -24.03
CA LYS A 79 18.69 0.17 -24.37
C LYS A 79 18.33 -0.77 -23.23
N THR A 80 18.97 -0.63 -22.08
CA THR A 80 18.66 -1.47 -20.92
C THR A 80 18.06 -0.65 -19.79
N LEU A 81 17.43 -1.36 -18.87
CA LEU A 81 17.23 -0.88 -17.52
C LEU A 81 18.15 -1.66 -16.59
N LYS A 82 18.51 -1.05 -15.48
CA LYS A 82 19.26 -1.74 -14.45
C LYS A 82 18.53 -1.61 -13.12
N ILE A 83 18.51 -2.70 -12.37
CA ILE A 83 18.02 -2.72 -10.99
C ILE A 83 19.23 -2.67 -10.08
N TRP A 84 19.21 -1.75 -9.13
CA TRP A 84 20.35 -1.49 -8.26
C TRP A 84 19.96 -1.71 -6.81
N ASP A 85 20.85 -2.32 -6.06
CA ASP A 85 20.75 -2.29 -4.61
C ASP A 85 21.39 -0.99 -4.13
N VAL A 86 20.58 -0.09 -3.56
CA VAL A 86 21.08 1.24 -3.24
C VAL A 86 22.18 1.18 -2.19
N SER A 87 22.02 0.31 -1.18
N SER A 87 22.01 0.34 -1.17
CA SER A 87 22.96 0.28 -0.08
CA SER A 87 22.98 0.29 -0.07
C SER A 87 24.35 -0.16 -0.53
C SER A 87 24.36 -0.12 -0.57
N SER A 88 24.43 -1.09 -1.49
CA SER A 88 25.71 -1.57 -1.98
C SER A 88 26.15 -0.89 -3.26
N GLY A 89 25.24 -0.22 -3.95
CA GLY A 89 25.54 0.34 -5.25
C GLY A 89 25.66 -0.67 -6.37
N LYS A 90 25.39 -1.94 -6.11
CA LYS A 90 25.61 -2.98 -7.10
C LYS A 90 24.41 -3.13 -8.02
N CYS A 91 24.69 -3.44 -9.28
CA CYS A 91 23.66 -3.78 -10.24
C CYS A 91 23.22 -5.22 -10.01
N LEU A 92 21.95 -5.41 -9.66
CA LEU A 92 21.40 -6.73 -9.42
C LEU A 92 20.96 -7.42 -10.70
N LYS A 93 20.38 -6.67 -11.63
CA LYS A 93 19.84 -7.21 -12.87
C LYS A 93 19.99 -6.16 -13.95
N THR A 94 20.23 -6.61 -15.16
CA THR A 94 20.13 -5.76 -16.35
C THR A 94 18.97 -6.28 -17.17
N LEU A 95 17.99 -5.41 -17.43
CA LEU A 95 16.75 -5.76 -18.11
C LEU A 95 16.95 -5.48 -19.59
N LYS A 96 17.04 -6.54 -20.37
CA LYS A 96 17.35 -6.43 -21.82
C LYS A 96 16.13 -6.85 -22.63
N GLY A 97 15.85 -6.09 -23.67
CA GLY A 97 14.74 -6.42 -24.54
C GLY A 97 14.32 -5.26 -25.43
N HIS A 98 14.33 -4.04 -24.89
CA HIS A 98 14.04 -2.90 -25.73
C HIS A 98 15.07 -2.80 -26.86
N SER A 99 14.64 -2.26 -28.00
CA SER A 99 15.48 -2.16 -29.18
C SER A 99 15.97 -0.73 -29.42
N ASN A 100 15.70 0.19 -28.50
CA ASN A 100 16.19 1.55 -28.61
C ASN A 100 16.19 2.15 -27.20
N TYR A 101 16.48 3.45 -27.11
CA TYR A 101 16.62 4.12 -25.81
C TYR A 101 15.43 3.81 -24.91
N VAL A 102 15.70 3.54 -23.63
CA VAL A 102 14.64 3.43 -22.64
C VAL A 102 14.48 4.77 -21.98
N PHE A 103 13.26 5.32 -22.02
CA PHE A 103 13.02 6.68 -21.59
C PHE A 103 12.42 6.82 -20.20
N CYS A 104 11.72 5.79 -19.71
CA CYS A 104 10.94 5.97 -18.50
C CYS A 104 10.80 4.63 -17.79
N CYS A 105 10.62 4.69 -16.48
CA CYS A 105 10.53 3.46 -15.68
C CYS A 105 9.87 3.73 -14.35
N ASN A 106 9.28 2.69 -13.77
CA ASN A 106 8.65 2.78 -12.46
C ASN A 106 8.43 1.37 -11.92
N PHE A 107 8.58 1.22 -10.61
CA PHE A 107 8.11 0.02 -9.92
C PHE A 107 6.61 0.13 -9.68
N ASN A 108 5.94 -1.03 -9.57
CA ASN A 108 4.60 -0.98 -9.00
C ASN A 108 4.69 -0.81 -7.48
N PRO A 109 3.59 -0.44 -6.81
CA PRO A 109 3.67 -0.32 -5.34
C PRO A 109 4.20 -1.57 -4.67
N GLN A 110 3.74 -2.74 -5.11
CA GLN A 110 4.23 -4.00 -4.55
C GLN A 110 5.72 -4.15 -4.77
N SER A 111 6.24 -3.55 -5.83
CA SER A 111 7.65 -3.56 -6.20
C SER A 111 8.15 -4.91 -6.68
N ASN A 112 7.23 -5.81 -7.05
CA ASN A 112 7.60 -7.04 -7.72
C ASN A 112 7.70 -6.87 -9.24
N LEU A 113 7.18 -5.76 -9.79
CA LEU A 113 7.22 -5.50 -11.21
C LEU A 113 7.84 -4.15 -11.48
N ILE A 114 8.44 -4.02 -12.66
CA ILE A 114 8.86 -2.75 -13.22
C ILE A 114 8.17 -2.58 -14.57
N VAL A 115 7.73 -1.35 -14.85
CA VAL A 115 7.24 -0.98 -16.17
C VAL A 115 8.25 -0.02 -16.80
N SER A 116 8.46 -0.17 -18.12
CA SER A 116 9.37 0.69 -18.87
C SER A 116 8.71 1.14 -20.17
N GLY A 117 9.15 2.30 -20.64
CA GLY A 117 8.75 2.78 -21.95
C GLY A 117 9.98 3.22 -22.73
N SER A 118 9.89 3.08 -24.05
CA SER A 118 11.07 3.22 -24.90
C SER A 118 10.79 4.03 -26.17
N PHE A 119 11.88 4.58 -26.71
CA PHE A 119 11.86 5.11 -28.06
C PHE A 119 11.32 4.08 -29.05
N ASP A 120 11.51 2.79 -28.76
CA ASP A 120 11.03 1.73 -29.64
C ASP A 120 9.50 1.61 -29.68
N GLU A 121 8.76 2.46 -28.97
CA GLU A 121 7.32 2.59 -29.03
C GLU A 121 6.59 1.55 -28.20
N SER A 122 7.31 0.72 -27.46
CA SER A 122 6.71 -0.31 -26.63
C SER A 122 6.76 0.06 -25.16
N VAL A 123 5.87 -0.59 -24.42
CA VAL A 123 5.92 -0.63 -22.96
C VAL A 123 6.21 -2.07 -22.58
N ARG A 124 7.17 -2.26 -21.67
CA ARG A 124 7.50 -3.59 -21.18
C ARG A 124 7.22 -3.69 -19.70
N ILE A 125 6.79 -4.88 -19.28
CA ILE A 125 6.56 -5.20 -17.87
C ILE A 125 7.54 -6.30 -17.51
N TRP A 126 8.32 -6.07 -16.44
CA TRP A 126 9.42 -6.94 -16.07
C TRP A 126 9.23 -7.48 -14.66
N ASP A 127 9.68 -8.71 -14.46
CA ASP A 127 9.71 -9.32 -13.14
C ASP A 127 10.99 -8.91 -12.43
N VAL A 128 10.85 -8.26 -11.28
CA VAL A 128 12.02 -7.77 -10.54
C VAL A 128 12.91 -8.93 -10.09
N LYS A 129 12.31 -10.00 -9.59
CA LYS A 129 13.09 -11.08 -8.99
C LYS A 129 13.94 -11.80 -10.04
N THR A 130 13.39 -12.08 -11.21
CA THR A 130 14.13 -12.79 -12.25
C THR A 130 14.81 -11.86 -13.24
N GLY A 131 14.38 -10.62 -13.31
CA GLY A 131 14.92 -9.70 -14.30
C GLY A 131 14.47 -9.99 -15.71
N LYS A 132 13.44 -10.81 -15.88
CA LYS A 132 12.96 -11.20 -17.20
C LYS A 132 11.74 -10.39 -17.59
N CYS A 133 11.58 -10.18 -18.90
CA CYS A 133 10.43 -9.46 -19.41
C CYS A 133 9.22 -10.38 -19.41
N LEU A 134 8.12 -9.93 -18.81
CA LEU A 134 6.89 -10.70 -18.75
C LEU A 134 5.96 -10.39 -19.91
N LYS A 135 5.88 -9.12 -20.29
CA LYS A 135 5.02 -8.70 -21.38
C LYS A 135 5.67 -7.55 -22.14
N THR A 136 5.44 -7.54 -23.45
CA THR A 136 5.77 -6.41 -24.30
C THR A 136 4.46 -5.91 -24.91
N LEU A 137 4.11 -4.68 -24.62
CA LEU A 137 2.88 -4.11 -25.11
C LEU A 137 3.16 -3.23 -26.31
N PRO A 138 2.49 -3.44 -27.42
CA PRO A 138 2.67 -2.56 -28.59
C PRO A 138 1.90 -1.26 -28.37
N ALA A 139 2.43 -0.44 -27.47
CA ALA A 139 1.60 0.53 -26.76
C ALA A 139 1.31 1.78 -27.58
N HIS A 140 2.27 2.22 -28.40
CA HIS A 140 2.19 3.53 -29.02
C HIS A 140 2.80 3.47 -30.41
N SER A 141 2.65 4.57 -31.15
CA SER A 141 3.19 4.67 -32.50
C SER A 141 4.29 5.73 -32.60
N ASP A 142 4.85 6.11 -31.46
CA ASP A 142 5.97 7.04 -31.35
C ASP A 142 6.61 6.78 -29.99
N PRO A 143 7.74 7.41 -29.68
CA PRO A 143 8.41 7.12 -28.40
C PRO A 143 7.48 7.26 -27.20
N VAL A 144 7.65 6.37 -26.23
CA VAL A 144 6.89 6.37 -24.99
C VAL A 144 7.60 7.26 -23.98
N SER A 145 6.90 8.30 -23.51
CA SER A 145 7.52 9.34 -22.70
C SER A 145 7.39 9.09 -21.20
N ALA A 146 6.38 8.35 -20.76
CA ALA A 146 6.17 8.11 -19.33
C ALA A 146 5.37 6.84 -19.16
N VAL A 147 5.59 6.17 -18.01
CA VAL A 147 4.85 4.99 -17.58
C VAL A 147 4.71 5.05 -16.06
N HIS A 148 3.53 4.69 -15.55
CA HIS A 148 3.26 4.81 -14.13
C HIS A 148 2.19 3.81 -13.73
N PHE A 149 2.37 3.17 -12.58
CA PHE A 149 1.35 2.29 -12.01
C PHE A 149 0.40 3.10 -11.11
N ASN A 150 -0.85 2.67 -11.05
CA ASN A 150 -1.79 3.27 -10.12
C ASN A 150 -1.56 2.75 -8.69
N ARG A 151 -2.45 3.17 -7.77
CA ARG A 151 -2.18 3.06 -6.35
C ARG A 151 -2.08 1.63 -5.87
N ASP A 152 -2.76 0.70 -6.53
CA ASP A 152 -2.71 -0.70 -6.11
C ASP A 152 -1.96 -1.57 -7.11
N GLY A 153 -1.39 -0.97 -8.15
CA GLY A 153 -0.65 -1.70 -9.15
C GLY A 153 -1.48 -2.37 -10.23
N SER A 154 -2.81 -2.27 -10.16
CA SER A 154 -3.64 -3.01 -11.11
C SER A 154 -3.67 -2.38 -12.50
N LEU A 155 -3.31 -1.10 -12.63
CA LEU A 155 -3.32 -0.41 -13.90
C LEU A 155 -1.99 0.30 -14.13
N ILE A 156 -1.67 0.47 -15.41
CA ILE A 156 -0.53 1.25 -15.88
C ILE A 156 -1.08 2.35 -16.79
N VAL A 157 -0.53 3.56 -16.67
CA VAL A 157 -0.79 4.60 -17.66
C VAL A 157 0.50 4.88 -18.42
N SER A 158 0.39 5.01 -19.73
CA SER A 158 1.52 5.34 -20.58
C SER A 158 1.17 6.57 -21.40
N SER A 159 2.20 7.32 -21.79
CA SER A 159 2.04 8.46 -22.67
C SER A 159 3.08 8.41 -23.78
N SER A 160 2.78 9.12 -24.86
CA SER A 160 3.67 9.08 -26.01
C SER A 160 3.61 10.37 -26.81
N TYR A 161 4.68 10.59 -27.56
CA TYR A 161 4.73 11.69 -28.56
C TYR A 161 3.65 11.47 -29.62
N ASP A 162 3.04 10.29 -29.71
CA ASP A 162 1.93 10.08 -30.63
C ASP A 162 0.68 10.85 -30.22
N GLY A 163 0.70 11.51 -29.07
CA GLY A 163 -0.42 12.30 -28.61
C GLY A 163 -1.38 11.59 -27.68
N LEU A 164 -1.16 10.31 -27.41
CA LEU A 164 -2.09 9.49 -26.65
C LEU A 164 -1.59 9.23 -25.25
N CYS A 165 -2.54 9.10 -24.33
CA CYS A 165 -2.32 8.40 -23.07
C CYS A 165 -3.19 7.15 -23.10
N ARG A 166 -2.61 6.04 -22.66
CA ARG A 166 -3.32 4.77 -22.63
C ARG A 166 -3.26 4.15 -21.25
N ILE A 167 -4.39 3.54 -20.87
N ILE A 167 -4.36 3.53 -20.87
CA ILE A 167 -4.49 2.84 -19.55
CA ILE A 167 -4.47 2.85 -19.56
C ILE A 167 -4.49 1.35 -19.88
C ILE A 167 -4.51 1.35 -19.85
N TRP A 168 -3.69 0.59 -19.15
CA TRP A 168 -3.51 -0.84 -19.38
C TRP A 168 -3.82 -1.60 -18.11
N ASP A 169 -4.48 -2.75 -18.26
CA ASP A 169 -4.62 -3.69 -17.16
C ASP A 169 -3.30 -4.42 -16.98
N THR A 170 -2.69 -4.28 -15.81
CA THR A 170 -1.35 -4.83 -15.59
C THR A 170 -1.32 -6.33 -15.84
N ALA A 171 -2.29 -7.07 -15.27
CA ALA A 171 -2.21 -8.53 -15.29
C ALA A 171 -2.38 -9.08 -16.69
N SER A 172 -3.24 -8.47 -17.50
CA SER A 172 -3.54 -9.00 -18.83
C SER A 172 -2.85 -8.26 -19.95
N GLY A 173 -2.32 -7.06 -19.71
CA GLY A 173 -1.74 -6.26 -20.76
C GLY A 173 -2.74 -5.64 -21.71
N GLN A 174 -4.04 -5.71 -21.41
CA GLN A 174 -5.06 -5.19 -22.30
C GLN A 174 -5.21 -3.67 -22.12
N CYS A 175 -5.39 -2.96 -23.23
CA CYS A 175 -5.62 -1.53 -23.18
C CYS A 175 -7.08 -1.26 -22.85
N LEU A 176 -7.33 -0.68 -21.68
CA LEU A 176 -8.69 -0.41 -21.25
C LEU A 176 -9.21 0.95 -21.72
N LYS A 177 -8.32 1.89 -22.04
CA LYS A 177 -8.80 3.21 -22.43
C LYS A 177 -7.68 3.99 -23.11
N THR A 178 -8.05 4.78 -24.10
CA THR A 178 -7.16 5.76 -24.73
C THR A 178 -7.76 7.14 -24.53
N LEU A 179 -6.98 8.05 -23.97
CA LEU A 179 -7.38 9.43 -23.80
C LEU A 179 -6.99 10.22 -25.04
N ILE A 180 -7.98 10.81 -25.70
CA ILE A 180 -7.73 11.56 -26.94
C ILE A 180 -8.15 13.02 -26.79
N ASN A 184 -4.00 16.77 -30.98
CA ASN A 184 -3.18 15.61 -30.64
C ASN A 184 -1.73 15.97 -30.32
N PRO A 185 -1.49 16.93 -29.41
CA PRO A 185 -0.13 17.36 -29.16
C PRO A 185 0.68 16.25 -28.49
N PRO A 186 1.97 16.17 -28.76
CA PRO A 186 2.81 15.16 -28.11
C PRO A 186 2.65 15.22 -26.61
N VAL A 187 2.45 14.06 -25.99
CA VAL A 187 2.35 13.95 -24.54
C VAL A 187 3.72 13.58 -24.01
N SER A 188 4.28 14.44 -23.16
CA SER A 188 5.64 14.30 -22.67
C SER A 188 5.73 13.70 -21.28
N PHE A 189 4.60 13.59 -20.57
CA PHE A 189 4.61 13.05 -19.22
C PHE A 189 3.20 12.69 -18.83
N VAL A 190 3.06 11.64 -18.02
CA VAL A 190 1.77 11.26 -17.46
C VAL A 190 1.98 10.52 -16.15
N LYS A 191 1.03 10.67 -15.22
CA LYS A 191 0.98 9.84 -14.03
C LYS A 191 -0.43 9.85 -13.44
N PHE A 192 -0.76 8.80 -12.70
CA PHE A 192 -2.00 8.76 -11.95
C PHE A 192 -1.93 9.70 -10.76
N SER A 193 -3.10 10.25 -10.41
CA SER A 193 -3.24 10.96 -9.15
C SER A 193 -3.16 9.96 -8.00
N PRO A 194 -2.86 10.43 -6.80
CA PRO A 194 -2.73 9.51 -5.65
C PRO A 194 -3.92 8.60 -5.44
N ASN A 195 -5.15 9.07 -5.66
CA ASN A 195 -6.32 8.24 -5.45
C ASN A 195 -6.66 7.37 -6.65
N GLY A 196 -5.89 7.48 -7.74
CA GLY A 196 -6.05 6.65 -8.91
C GLY A 196 -7.19 7.03 -9.83
N LYS A 197 -7.98 8.06 -9.49
CA LYS A 197 -9.14 8.40 -10.30
C LYS A 197 -8.83 9.38 -11.41
N TYR A 198 -7.70 10.07 -11.32
CA TYR A 198 -7.34 11.08 -12.29
C TYR A 198 -5.95 10.80 -12.83
N ILE A 199 -5.65 11.46 -13.93
CA ILE A 199 -4.38 11.32 -14.62
C ILE A 199 -3.90 12.71 -14.99
N LEU A 200 -2.67 13.03 -14.61
CA LEU A 200 -2.04 14.31 -14.91
C LEU A 200 -1.12 14.11 -16.12
N ALA A 201 -1.32 14.92 -17.16
CA ALA A 201 -0.57 14.76 -18.41
C ALA A 201 0.01 16.10 -18.84
N ALA A 202 1.29 16.09 -19.22
CA ALA A 202 1.94 17.23 -19.83
C ALA A 202 2.00 17.03 -21.33
N THR A 203 1.73 18.11 -22.08
CA THR A 203 1.88 18.11 -23.52
C THR A 203 2.81 19.23 -23.93
N LEU A 204 3.49 19.04 -25.06
CA LEU A 204 4.53 19.99 -25.54
C LEU A 204 3.92 21.25 -26.16
N ASP A 205 2.81 21.67 -25.64
CA ASP A 205 2.19 22.94 -26.00
C ASP A 205 1.94 23.77 -24.75
N ASN A 206 2.88 23.70 -23.80
CA ASN A 206 2.85 24.57 -22.63
C ASN A 206 1.61 24.34 -21.76
N THR A 207 1.20 23.07 -21.64
CA THR A 207 -0.06 22.77 -20.98
C THR A 207 0.07 21.49 -20.16
N LEU A 208 -0.45 21.55 -18.94
CA LEU A 208 -0.71 20.37 -18.11
C LEU A 208 -2.22 20.18 -18.04
N LYS A 209 -2.67 18.93 -18.03
CA LYS A 209 -4.08 18.63 -17.94
C LYS A 209 -4.33 17.55 -16.90
N LEU A 210 -5.43 17.70 -16.18
CA LEU A 210 -5.91 16.69 -15.24
C LEU A 210 -7.15 16.05 -15.84
N TRP A 211 -7.06 14.75 -16.13
CA TRP A 211 -8.11 14.00 -16.78
C TRP A 211 -8.85 13.13 -15.77
N ASP A 212 -10.16 13.04 -15.92
CA ASP A 212 -10.94 12.05 -15.19
C ASP A 212 -10.87 10.74 -15.95
N TYR A 213 -10.28 9.72 -15.32
CA TYR A 213 -10.07 8.46 -16.02
C TYR A 213 -11.41 7.81 -16.39
N SER A 214 -12.35 7.76 -15.46
CA SER A 214 -13.60 7.06 -15.71
C SER A 214 -14.40 7.70 -16.84
N LYS A 215 -14.32 9.03 -16.97
CA LYS A 215 -15.08 9.75 -17.98
C LYS A 215 -14.30 10.05 -19.24
N GLY A 216 -12.98 9.83 -19.24
CA GLY A 216 -12.16 10.14 -20.39
C GLY A 216 -12.19 11.60 -20.78
N LYS A 217 -12.31 12.50 -19.81
CA LYS A 217 -12.51 13.92 -20.07
C LYS A 217 -11.56 14.75 -19.22
N CYS A 218 -11.10 15.85 -19.80
CA CYS A 218 -10.20 16.77 -19.10
C CYS A 218 -11.01 17.66 -18.17
N LEU A 219 -10.60 17.73 -16.91
CA LEU A 219 -11.29 18.54 -15.90
C LEU A 219 -10.57 19.84 -15.56
N LYS A 220 -9.24 19.87 -15.65
CA LYS A 220 -8.48 21.06 -15.30
C LYS A 220 -7.30 21.18 -16.27
N THR A 221 -6.92 22.42 -16.55
CA THR A 221 -5.69 22.69 -17.28
C THR A 221 -4.85 23.67 -16.46
N TYR A 222 -3.54 23.52 -16.56
CA TYR A 222 -2.60 24.38 -15.85
C TYR A 222 -1.63 24.95 -16.86
N THR A 223 -1.57 26.28 -16.93
CA THR A 223 -0.75 26.95 -17.94
C THR A 223 -0.03 28.13 -17.32
N GLY A 224 0.78 28.80 -18.14
CA GLY A 224 1.61 29.91 -17.72
C GLY A 224 3.08 29.61 -17.80
N HIS A 225 3.46 28.33 -17.78
CA HIS A 225 4.84 27.91 -17.88
C HIS A 225 5.21 27.71 -19.35
N LYS A 226 6.44 27.31 -19.56
CA LYS A 226 6.93 27.05 -20.93
C LYS A 226 7.37 25.60 -21.04
N ASN A 227 6.77 24.89 -21.98
CA ASN A 227 7.16 23.48 -22.18
C ASN A 227 6.76 23.10 -23.61
N GLU A 228 7.73 23.25 -24.51
N GLU A 228 7.73 23.23 -24.52
CA GLU A 228 7.52 22.93 -25.96
CA GLU A 228 7.50 22.89 -25.94
C GLU A 228 8.61 21.98 -26.46
C GLU A 228 8.64 22.00 -26.47
N LYS A 229 9.54 21.55 -25.59
CA LYS A 229 10.64 20.72 -26.06
C LYS A 229 10.96 19.54 -25.16
N TYR A 230 11.13 19.76 -23.87
CA TYR A 230 11.73 18.75 -22.99
C TYR A 230 10.66 17.95 -22.26
N CYS A 231 11.02 16.72 -21.88
N CYS A 231 11.04 16.72 -21.92
CA CYS A 231 10.11 15.88 -21.09
CA CYS A 231 10.27 15.87 -21.03
C CYS A 231 10.27 16.22 -19.61
C CYS A 231 10.42 16.41 -19.61
N ILE A 232 9.42 17.14 -19.15
CA ILE A 232 9.46 17.72 -17.81
C ILE A 232 8.35 17.07 -17.00
N PHE A 233 8.73 16.46 -15.88
CA PHE A 233 7.72 15.78 -15.08
C PHE A 233 6.82 16.80 -14.39
N ALA A 234 5.68 16.33 -13.92
CA ALA A 234 4.82 17.13 -13.07
C ALA A 234 4.48 16.31 -11.85
N ASN A 235 4.27 16.98 -10.72
CA ASN A 235 4.04 16.30 -9.46
C ASN A 235 2.75 16.78 -8.83
N PHE A 236 2.13 15.88 -8.06
CA PHE A 236 1.11 16.24 -7.07
C PHE A 236 1.81 16.49 -5.75
N SER A 237 1.75 17.72 -5.24
CA SER A 237 2.26 18.02 -3.91
C SER A 237 1.11 17.89 -2.92
N VAL A 238 1.29 17.04 -1.91
CA VAL A 238 0.18 16.69 -1.03
C VAL A 238 0.48 16.84 0.45
N THR A 239 1.73 17.19 0.80
CA THR A 239 2.10 17.22 2.22
C THR A 239 1.50 18.43 2.93
N GLY A 240 1.26 19.51 2.22
CA GLY A 240 0.63 20.71 2.73
C GLY A 240 -0.56 21.09 1.88
N GLY A 241 -0.56 22.29 1.30
CA GLY A 241 -1.56 22.62 0.30
C GLY A 241 -1.49 21.69 -0.89
N LYS A 242 -2.63 21.52 -1.55
CA LYS A 242 -2.75 20.57 -2.69
C LYS A 242 -2.35 21.29 -3.98
N TRP A 243 -1.13 21.07 -4.43
CA TRP A 243 -0.59 21.77 -5.59
C TRP A 243 -0.25 20.81 -6.70
N ILE A 244 -0.07 21.40 -7.88
CA ILE A 244 0.63 20.79 -9.00
C ILE A 244 1.97 21.52 -9.11
N VAL A 245 3.05 20.75 -9.29
CA VAL A 245 4.40 21.31 -9.39
C VAL A 245 5.03 20.84 -10.70
N SER A 246 5.73 21.76 -11.38
CA SER A 246 6.43 21.39 -12.59
C SER A 246 7.61 22.31 -12.84
N GLY A 247 8.63 21.77 -13.49
CA GLY A 247 9.67 22.58 -14.10
C GLY A 247 9.13 23.30 -15.32
N SER A 248 10.02 24.06 -15.95
CA SER A 248 9.61 24.93 -17.05
C SER A 248 10.85 25.37 -17.81
N GLU A 249 10.64 25.67 -19.10
CA GLU A 249 11.72 26.06 -19.97
C GLU A 249 12.10 27.53 -19.84
N ASP A 250 11.47 28.27 -18.93
CA ASP A 250 11.86 29.63 -18.59
C ASP A 250 12.64 29.71 -17.29
N ASN A 251 13.19 28.59 -16.81
CA ASN A 251 14.11 28.48 -15.67
C ASN A 251 13.42 28.58 -14.32
N LEU A 252 12.10 28.45 -14.25
CA LEU A 252 11.38 28.58 -13.01
C LEU A 252 10.70 27.26 -12.67
N VAL A 253 10.46 27.04 -11.37
CA VAL A 253 9.55 26.01 -10.91
C VAL A 253 8.18 26.65 -10.75
N TYR A 254 7.16 26.05 -11.36
CA TYR A 254 5.79 26.53 -11.25
C TYR A 254 5.00 25.67 -10.27
N ILE A 255 4.19 26.32 -9.46
CA ILE A 255 3.31 25.67 -8.50
C ILE A 255 1.91 26.24 -8.69
N TRP A 256 0.94 25.37 -8.96
CA TRP A 256 -0.45 25.77 -9.17
C TRP A 256 -1.32 25.18 -8.06
N ASN A 257 -2.39 25.90 -7.74
CA ASN A 257 -3.48 25.35 -6.96
C ASN A 257 -4.22 24.31 -7.80
N LEU A 258 -4.28 23.08 -7.29
CA LEU A 258 -4.85 21.99 -8.08
C LEU A 258 -6.30 22.27 -8.45
N GLN A 259 -7.09 22.78 -7.50
CA GLN A 259 -8.52 23.02 -7.76
C GLN A 259 -8.78 24.27 -8.62
N THR A 260 -8.15 25.37 -8.32
CA THR A 260 -8.51 26.61 -9.00
C THR A 260 -7.70 26.85 -10.26
N LYS A 261 -6.61 26.12 -10.47
CA LYS A 261 -5.70 26.24 -11.62
C LYS A 261 -4.85 27.51 -11.57
N GLU A 262 -4.96 28.32 -10.51
CA GLU A 262 -4.16 29.53 -10.41
C GLU A 262 -2.74 29.19 -10.00
N ILE A 263 -1.77 29.91 -10.59
CA ILE A 263 -0.39 29.82 -10.14
C ILE A 263 -0.29 30.43 -8.74
N VAL A 264 0.32 29.69 -7.82
CA VAL A 264 0.48 30.15 -6.45
C VAL A 264 1.93 30.50 -6.11
N GLN A 265 2.91 29.99 -6.85
CA GLN A 265 4.28 30.39 -6.63
C GLN A 265 5.11 30.03 -7.86
N LYS A 266 6.14 30.82 -8.11
CA LYS A 266 7.14 30.58 -9.16
C LYS A 266 8.49 30.63 -8.44
N LEU A 267 9.28 29.57 -8.46
CA LEU A 267 10.53 29.54 -7.72
C LEU A 267 11.67 30.00 -8.62
N GLN A 268 12.25 31.12 -8.24
CA GLN A 268 13.34 31.75 -9.02
C GLN A 268 14.72 31.35 -8.44
N GLY A 269 15.65 31.05 -9.28
CA GLY A 269 16.98 30.71 -8.78
C GLY A 269 17.81 30.02 -9.81
N HIS A 270 17.24 29.04 -10.54
CA HIS A 270 17.96 28.32 -11.58
C HIS A 270 18.28 29.26 -12.74
N THR A 271 19.34 28.93 -13.46
CA THR A 271 19.80 29.71 -14.60
C THR A 271 19.73 28.90 -15.89
N ASP A 272 18.91 27.86 -15.93
CA ASP A 272 18.61 27.11 -17.14
C ASP A 272 17.28 26.42 -16.95
N VAL A 273 16.82 25.74 -18.00
CA VAL A 273 15.56 25.01 -17.98
C VAL A 273 15.51 24.13 -16.75
N VAL A 274 14.39 24.19 -16.02
CA VAL A 274 14.16 23.28 -14.90
C VAL A 274 13.57 21.99 -15.49
N ILE A 275 14.42 20.97 -15.59
CA ILE A 275 14.06 19.76 -16.31
C ILE A 275 13.27 18.77 -15.46
N SER A 276 13.40 18.82 -14.14
CA SER A 276 12.76 17.83 -13.29
C SER A 276 12.53 18.43 -11.92
N THR A 277 11.43 18.01 -11.29
CA THR A 277 11.09 18.36 -9.93
C THR A 277 10.54 17.12 -9.24
N ALA A 278 10.67 17.09 -7.91
CA ALA A 278 10.12 16.02 -7.10
C ALA A 278 9.68 16.63 -5.77
N CYS A 279 8.66 16.02 -5.18
CA CYS A 279 8.09 16.46 -3.91
C CYS A 279 8.34 15.40 -2.84
N HIS A 280 8.81 15.86 -1.68
CA HIS A 280 9.16 14.96 -0.60
C HIS A 280 7.91 14.27 -0.05
N PRO A 281 8.03 13.01 0.37
CA PRO A 281 6.82 12.27 0.80
C PRO A 281 6.18 12.75 2.09
N THR A 282 6.91 13.45 2.98
CA THR A 282 6.29 13.85 4.25
C THR A 282 6.45 15.33 4.57
N GLU A 283 7.52 15.96 4.11
CA GLU A 283 7.77 17.38 4.36
C GLU A 283 7.46 18.19 3.11
N ASN A 284 7.16 19.48 3.32
CA ASN A 284 6.94 20.42 2.22
C ASN A 284 8.30 20.83 1.66
N ILE A 285 8.88 19.90 0.91
CA ILE A 285 10.22 20.05 0.35
C ILE A 285 10.14 19.66 -1.13
N ILE A 286 10.73 20.50 -1.98
CA ILE A 286 10.82 20.26 -3.41
C ILE A 286 12.28 20.16 -3.80
N ALA A 287 12.61 19.18 -4.65
CA ALA A 287 13.89 19.15 -5.35
C ALA A 287 13.66 19.54 -6.79
N SER A 288 14.55 20.36 -7.34
CA SER A 288 14.48 20.77 -8.73
C SER A 288 15.85 20.62 -9.36
N ALA A 289 15.88 20.34 -10.65
CA ALA A 289 17.15 20.21 -11.36
C ALA A 289 17.07 21.02 -12.65
N ALA A 290 18.18 21.67 -12.99
CA ALA A 290 18.25 22.51 -14.19
C ALA A 290 19.31 22.01 -15.16
N LEU A 291 19.20 22.56 -16.37
CA LEU A 291 20.08 22.15 -17.50
C LEU A 291 21.49 22.73 -17.44
N GLU A 292 22.23 22.62 -18.55
CA GLU A 292 23.69 22.72 -18.52
C GLU A 292 24.23 24.11 -18.22
N ASN A 293 23.46 25.19 -18.44
CA ASN A 293 23.98 26.49 -18.04
C ASN A 293 24.00 26.65 -16.52
N ASP A 294 23.23 25.82 -15.82
CA ASP A 294 23.03 25.89 -14.37
C ASP A 294 23.76 24.79 -13.63
N LYS A 295 23.56 23.55 -14.04
CA LYS A 295 24.26 22.34 -13.52
C LYS A 295 23.94 21.96 -12.06
N THR A 296 22.88 22.47 -11.47
CA THR A 296 22.65 22.17 -10.07
C THR A 296 21.28 21.52 -9.83
N ILE A 297 21.18 20.88 -8.67
CA ILE A 297 19.92 20.45 -8.07
C ILE A 297 19.70 21.37 -6.87
N LYS A 298 18.49 21.88 -6.73
CA LYS A 298 18.16 22.77 -5.63
C LYS A 298 17.10 22.14 -4.74
N LEU A 299 17.26 22.31 -3.44
CA LEU A 299 16.29 21.87 -2.45
C LEU A 299 15.62 23.09 -1.86
N TRP A 300 14.29 23.06 -1.82
CA TRP A 300 13.47 24.18 -1.38
C TRP A 300 12.55 23.71 -0.26
N LYS A 301 12.18 24.63 0.61
CA LYS A 301 11.33 24.30 1.76
C LYS A 301 10.24 25.36 1.91
N SER A 302 9.02 24.90 2.18
CA SER A 302 7.87 25.76 2.43
C SER A 302 7.29 25.48 3.81
N ASP A 303 6.71 26.51 4.42
CA ASP A 303 6.02 26.34 5.69
C ASP A 303 4.65 25.68 5.54
N CYS A 304 4.11 25.65 4.33
CA CYS A 304 2.79 25.07 4.12
C CYS A 304 2.68 24.48 2.73
N VAL B 1 11.00 -26.67 2.44
CA VAL B 1 10.95 -25.23 2.21
C VAL B 1 10.42 -24.46 3.43
N LYS B 2 11.11 -23.40 3.79
CA LYS B 2 10.71 -22.54 4.90
C LYS B 2 10.75 -21.09 4.44
N PRO B 3 9.88 -20.24 4.98
CA PRO B 3 9.94 -18.82 4.64
C PRO B 3 11.11 -18.16 5.36
N ASN B 4 11.40 -16.92 4.95
CA ASN B 4 12.50 -16.18 5.55
C ASN B 4 12.07 -14.75 5.87
N TYR B 5 10.92 -14.62 6.54
CA TYR B 5 10.42 -13.31 6.92
C TYR B 5 11.47 -12.53 7.71
N ALA B 6 11.71 -11.30 7.29
CA ALA B 6 12.64 -10.40 7.95
C ALA B 6 11.96 -9.05 8.15
N LEU B 7 12.37 -8.36 9.22
CA LEU B 7 11.74 -7.09 9.58
C LEU B 7 12.05 -6.00 8.57
N LYS B 8 11.00 -5.32 8.12
CA LYS B 8 11.15 -4.22 7.17
C LYS B 8 10.79 -2.85 7.76
N PHE B 9 9.74 -2.78 8.58
CA PHE B 9 9.31 -1.52 9.17
C PHE B 9 8.73 -1.77 10.54
N THR B 10 8.93 -0.79 11.42
CA THR B 10 8.23 -0.72 12.70
C THR B 10 7.40 0.55 12.70
N LEU B 11 6.10 0.39 12.90
CA LEU B 11 5.12 1.47 12.78
C LEU B 11 4.71 1.90 14.17
N ALA B 12 5.11 3.09 14.57
CA ALA B 12 4.83 3.62 15.90
C ALA B 12 3.79 4.73 15.79
N GLY B 13 2.96 4.85 16.82
CA GLY B 13 1.96 5.93 16.83
C GLY B 13 0.82 5.65 17.81
N HIS B 14 0.40 4.39 17.93
CA HIS B 14 -0.59 4.07 18.93
C HIS B 14 -0.02 4.27 20.33
N THR B 15 -0.89 4.66 21.26
CA THR B 15 -0.45 4.98 22.61
C THR B 15 -0.91 3.98 23.65
N LYS B 16 -1.66 2.97 23.25
CA LYS B 16 -2.00 1.83 24.08
C LYS B 16 -1.85 0.58 23.20
N ALA B 17 -2.24 -0.57 23.74
CA ALA B 17 -2.11 -1.82 23.01
C ALA B 17 -2.74 -1.72 21.63
N VAL B 18 -2.07 -2.28 20.66
CA VAL B 18 -2.72 -2.49 19.37
C VAL B 18 -3.63 -3.70 19.56
N SER B 19 -4.78 -3.70 18.89
CA SER B 19 -5.71 -4.82 19.03
C SER B 19 -5.90 -5.61 17.76
N SER B 20 -5.74 -5.01 16.59
N SER B 20 -5.79 -5.00 16.59
CA SER B 20 -6.01 -5.71 15.34
CA SER B 20 -5.93 -5.74 15.35
C SER B 20 -5.36 -4.96 14.18
C SER B 20 -5.21 -4.97 14.25
N VAL B 21 -4.76 -5.72 13.25
CA VAL B 21 -4.23 -5.17 12.01
C VAL B 21 -4.83 -5.96 10.86
N LYS B 22 -5.16 -5.27 9.77
CA LYS B 22 -5.79 -5.88 8.60
C LYS B 22 -5.31 -5.17 7.34
N PHE B 23 -4.91 -5.94 6.33
CA PHE B 23 -4.59 -5.36 5.03
C PHE B 23 -5.87 -5.15 4.22
N SER B 24 -5.92 -4.04 3.49
CA SER B 24 -7.05 -3.83 2.60
C SER B 24 -7.04 -4.89 1.49
N PRO B 25 -8.21 -5.28 1.00
CA PRO B 25 -8.24 -6.32 -0.06
C PRO B 25 -7.44 -5.95 -1.30
N ASN B 26 -7.32 -4.67 -1.63
CA ASN B 26 -6.54 -4.25 -2.79
C ASN B 26 -5.04 -4.19 -2.50
N GLY B 27 -4.61 -4.52 -1.27
CA GLY B 27 -3.21 -4.57 -0.94
C GLY B 27 -2.56 -3.26 -0.61
N GLU B 28 -3.26 -2.14 -0.75
CA GLU B 28 -2.62 -0.82 -0.68
C GLU B 28 -2.36 -0.37 0.76
N TRP B 29 -3.22 -0.77 1.70
CA TRP B 29 -3.21 -0.19 3.03
C TRP B 29 -3.17 -1.27 4.10
N LEU B 30 -2.64 -0.89 5.25
CA LEU B 30 -2.83 -1.60 6.51
C LEU B 30 -3.64 -0.70 7.43
N ALA B 31 -4.69 -1.27 8.03
CA ALA B 31 -5.45 -0.60 9.07
C ALA B 31 -5.11 -1.23 10.40
N SER B 32 -4.96 -0.40 11.43
CA SER B 32 -4.77 -0.86 12.79
C SER B 32 -5.81 -0.24 13.70
N SER B 33 -6.20 -1.00 14.71
CA SER B 33 -7.06 -0.51 15.78
C SER B 33 -6.33 -0.67 17.11
N SER B 34 -6.78 0.09 18.11
CA SER B 34 -6.08 0.10 19.39
C SER B 34 -7.01 0.42 20.55
N ALA B 35 -6.57 0.00 21.74
CA ALA B 35 -7.18 0.40 22.99
C ALA B 35 -7.15 1.91 23.17
N ASP B 36 -6.33 2.64 22.40
CA ASP B 36 -6.27 4.09 22.46
C ASP B 36 -7.43 4.78 21.77
N LYS B 37 -8.45 4.04 21.33
CA LYS B 37 -9.71 4.54 20.67
C LYS B 37 -9.49 4.96 19.22
N LEU B 38 -8.32 4.69 18.66
CA LEU B 38 -8.00 5.18 17.33
C LEU B 38 -7.85 4.04 16.32
N ILE B 39 -8.16 4.37 15.08
CA ILE B 39 -7.79 3.59 13.90
C ILE B 39 -6.69 4.35 13.18
N LYS B 40 -5.66 3.65 12.74
CA LYS B 40 -4.62 4.25 11.94
C LYS B 40 -4.49 3.52 10.62
N ILE B 41 -4.21 4.28 9.56
CA ILE B 41 -4.00 3.75 8.22
C ILE B 41 -2.54 3.97 7.85
N TRP B 42 -1.94 2.94 7.24
CA TRP B 42 -0.52 2.96 6.90
C TRP B 42 -0.34 2.37 5.51
N GLY B 43 0.65 2.85 4.77
CA GLY B 43 0.95 2.27 3.47
C GLY B 43 1.47 0.85 3.65
N ALA B 44 0.91 -0.11 2.90
CA ALA B 44 1.26 -1.51 3.11
C ALA B 44 2.68 -1.82 2.69
N TYR B 45 3.22 -1.07 1.72
CA TYR B 45 4.51 -1.39 1.12
C TYR B 45 5.64 -0.47 1.57
N ASP B 46 5.33 0.76 1.97
CA ASP B 46 6.33 1.67 2.50
C ASP B 46 6.19 1.91 3.99
N GLY B 47 5.16 1.35 4.63
CA GLY B 47 4.93 1.52 6.05
C GLY B 47 4.59 2.93 6.47
N LYS B 48 4.33 3.82 5.53
CA LYS B 48 4.18 5.24 5.83
C LYS B 48 2.83 5.54 6.48
N PHE B 49 2.89 6.21 7.62
CA PHE B 49 1.65 6.62 8.26
C PHE B 49 0.83 7.48 7.32
N GLU B 50 -0.46 7.15 7.19
CA GLU B 50 -1.36 7.88 6.30
C GLU B 50 -2.31 8.79 7.08
N LYS B 51 -3.10 8.24 8.00
CA LYS B 51 -4.07 9.06 8.73
C LYS B 51 -4.53 8.33 9.98
N THR B 52 -5.11 9.11 10.89
CA THR B 52 -5.79 8.61 12.07
C THR B 52 -7.28 8.84 11.89
N ILE B 53 -8.08 7.84 12.24
CA ILE B 53 -9.53 7.89 12.16
C ILE B 53 -10.06 7.78 13.58
N SER B 54 -10.83 8.78 14.01
N SER B 54 -10.84 8.78 14.00
CA SER B 54 -11.21 8.87 15.41
CA SER B 54 -11.23 8.96 15.38
C SER B 54 -12.70 9.14 15.56
C SER B 54 -12.74 9.04 15.51
N GLY B 55 -13.24 8.71 16.70
CA GLY B 55 -14.64 8.93 17.02
C GLY B 55 -15.18 8.00 18.09
N HIS B 56 -14.65 6.78 18.19
CA HIS B 56 -15.07 5.92 19.29
C HIS B 56 -14.72 6.55 20.64
N LYS B 57 -15.57 6.29 21.63
N LYS B 57 -15.58 6.30 21.62
CA LYS B 57 -15.40 6.88 22.94
CA LYS B 57 -15.43 6.87 22.95
C LYS B 57 -14.61 5.99 23.89
C LYS B 57 -14.59 6.00 23.88
N LEU B 58 -14.39 4.73 23.53
CA LEU B 58 -13.59 3.80 24.30
C LEU B 58 -12.77 2.99 23.32
N GLY B 59 -11.96 2.08 23.84
CA GLY B 59 -11.02 1.34 23.03
C GLY B 59 -11.70 0.48 21.99
N ILE B 60 -10.91 0.12 20.97
CA ILE B 60 -11.37 -0.65 19.83
C ILE B 60 -10.68 -2.01 19.86
N SER B 61 -11.46 -3.07 19.62
CA SER B 61 -10.92 -4.43 19.61
C SER B 61 -10.64 -4.98 18.22
N ASP B 62 -11.31 -4.46 17.19
CA ASP B 62 -11.20 -5.07 15.87
C ASP B 62 -11.58 -4.03 14.84
N VAL B 63 -11.04 -4.21 13.63
CA VAL B 63 -11.38 -3.42 12.46
C VAL B 63 -11.41 -4.37 11.28
N ALA B 64 -12.20 -4.04 10.24
CA ALA B 64 -12.29 -4.88 9.07
C ALA B 64 -12.65 -4.04 7.86
N TRP B 65 -12.20 -4.47 6.68
CA TRP B 65 -12.32 -3.76 5.42
C TRP B 65 -13.48 -4.29 4.58
N SER B 66 -14.12 -3.37 3.87
CA SER B 66 -15.04 -3.78 2.82
C SER B 66 -14.28 -4.28 1.60
N SER B 67 -14.99 -4.99 0.71
N SER B 67 -14.97 -5.01 0.73
CA SER B 67 -14.34 -5.71 -0.37
CA SER B 67 -14.29 -5.69 -0.36
C SER B 67 -13.77 -4.79 -1.45
C SER B 67 -13.64 -4.72 -1.35
N ASP B 68 -14.22 -3.54 -1.55
CA ASP B 68 -13.66 -2.57 -2.49
C ASP B 68 -12.59 -1.70 -1.85
N SER B 69 -12.22 -1.97 -0.59
CA SER B 69 -11.18 -1.26 0.12
C SER B 69 -11.55 0.18 0.46
N ASN B 70 -12.83 0.54 0.37
CA ASN B 70 -13.26 1.91 0.63
C ASN B 70 -13.78 2.13 2.03
N LEU B 71 -14.32 1.10 2.68
CA LEU B 71 -14.92 1.27 3.99
C LEU B 71 -14.20 0.42 5.02
N LEU B 72 -14.30 0.86 6.26
CA LEU B 72 -13.87 0.08 7.42
C LEU B 72 -15.04 -0.02 8.38
N VAL B 73 -15.07 -1.12 9.14
CA VAL B 73 -15.93 -1.21 10.32
C VAL B 73 -15.03 -1.49 11.52
N SER B 74 -15.37 -0.88 12.65
CA SER B 74 -14.64 -1.08 13.91
C SER B 74 -15.61 -1.50 15.01
N ALA B 75 -15.08 -2.28 15.96
CA ALA B 75 -15.84 -2.81 17.10
C ALA B 75 -15.22 -2.28 18.38
N SER B 76 -16.03 -1.66 19.24
CA SER B 76 -15.52 -0.91 20.37
C SER B 76 -16.13 -1.30 21.71
N ASP B 77 -15.36 -1.04 22.77
CA ASP B 77 -15.84 -1.13 24.14
C ASP B 77 -16.96 -0.15 24.41
N ASP B 78 -17.18 0.85 23.54
CA ASP B 78 -18.30 1.77 23.73
C ASP B 78 -19.64 1.16 23.34
N LYS B 79 -19.65 -0.15 23.03
CA LYS B 79 -20.83 -0.96 22.73
C LYS B 79 -21.31 -0.75 21.31
N THR B 80 -20.60 0.02 20.50
CA THR B 80 -21.02 0.26 19.13
C THR B 80 -20.00 -0.29 18.16
N LEU B 81 -20.44 -0.45 16.92
CA LEU B 81 -19.55 -0.48 15.78
C LEU B 81 -19.71 0.82 15.01
N LYS B 82 -18.66 1.21 14.31
CA LYS B 82 -18.75 2.36 13.41
C LYS B 82 -18.30 1.95 12.03
N ILE B 83 -19.02 2.44 11.02
CA ILE B 83 -18.64 2.29 9.63
C ILE B 83 -17.97 3.59 9.19
N TRP B 84 -16.80 3.47 8.55
CA TRP B 84 -15.99 4.62 8.20
C TRP B 84 -15.72 4.66 6.71
N ASP B 85 -15.76 5.85 6.13
CA ASP B 85 -15.21 6.07 4.80
C ASP B 85 -13.71 6.34 4.94
N VAL B 86 -12.89 5.44 4.40
CA VAL B 86 -11.45 5.54 4.62
C VAL B 86 -10.88 6.82 4.01
N SER B 87 -11.34 7.18 2.81
N SER B 87 -11.34 7.18 2.81
CA SER B 87 -10.77 8.34 2.12
CA SER B 87 -10.78 8.33 2.12
C SER B 87 -11.06 9.64 2.86
C SER B 87 -11.06 9.64 2.86
N SER B 88 -12.27 9.79 3.39
CA SER B 88 -12.62 11.01 4.12
C SER B 88 -12.32 10.92 5.61
N GLY B 89 -12.17 9.71 6.16
CA GLY B 89 -12.06 9.53 7.58
C GLY B 89 -13.34 9.69 8.36
N LYS B 90 -14.46 9.87 7.69
CA LYS B 90 -15.71 10.20 8.37
C LYS B 90 -16.45 8.94 8.79
N CYS B 91 -17.08 9.02 9.96
CA CYS B 91 -18.00 7.99 10.40
C CYS B 91 -19.31 8.13 9.64
N LEU B 92 -19.66 7.09 8.88
CA LEU B 92 -20.89 7.08 8.10
C LEU B 92 -22.08 6.60 8.92
N LYS B 93 -21.87 5.60 9.77
CA LYS B 93 -22.94 5.04 10.59
C LYS B 93 -22.34 4.58 11.91
N THR B 94 -23.15 4.66 12.96
CA THR B 94 -22.85 4.05 14.24
C THR B 94 -23.89 2.95 14.48
N LEU B 95 -23.41 1.72 14.68
CA LEU B 95 -24.27 0.55 14.79
C LEU B 95 -24.52 0.28 16.26
N LYS B 96 -25.75 0.54 16.71
CA LYS B 96 -26.11 0.47 18.11
C LYS B 96 -27.07 -0.69 18.32
N GLY B 97 -26.86 -1.45 19.39
CA GLY B 97 -27.73 -2.60 19.70
C GLY B 97 -27.08 -3.53 20.71
N HIS B 98 -25.76 -3.74 20.62
CA HIS B 98 -25.11 -4.57 21.61
C HIS B 98 -25.20 -3.92 22.99
N SER B 99 -25.24 -4.76 24.02
CA SER B 99 -25.42 -4.28 25.38
C SER B 99 -24.12 -4.33 26.17
N ASN B 100 -23.01 -4.67 25.53
CA ASN B 100 -21.70 -4.65 26.17
C ASN B 100 -20.65 -4.52 25.07
N TYR B 101 -19.38 -4.65 25.45
CA TYR B 101 -18.28 -4.45 24.52
C TYR B 101 -18.48 -5.25 23.25
N VAL B 102 -18.17 -4.63 22.10
CA VAL B 102 -18.15 -5.35 20.84
C VAL B 102 -16.71 -5.78 20.57
N PHE B 103 -16.50 -7.08 20.36
CA PHE B 103 -15.14 -7.61 20.29
C PHE B 103 -14.67 -7.94 18.89
N CYS B 104 -15.57 -8.17 17.93
CA CYS B 104 -15.14 -8.70 16.65
C CYS B 104 -16.12 -8.28 15.57
N CYS B 105 -15.62 -8.16 14.35
CA CYS B 105 -16.45 -7.67 13.25
C CYS B 105 -15.86 -8.07 11.90
N ASN B 106 -16.72 -8.14 10.89
CA ASN B 106 -16.31 -8.46 9.53
C ASN B 106 -17.43 -8.06 8.57
N PHE B 107 -17.05 -7.61 7.38
CA PHE B 107 -17.98 -7.46 6.26
C PHE B 107 -18.12 -8.80 5.54
N ASN B 108 -19.27 -9.00 4.89
CA ASN B 108 -19.37 -10.11 3.96
C ASN B 108 -18.71 -9.73 2.63
N PRO B 109 -18.53 -10.70 1.72
CA PRO B 109 -17.85 -10.39 0.45
C PRO B 109 -18.55 -9.31 -0.36
N GLN B 110 -19.88 -9.37 -0.43
CA GLN B 110 -20.60 -8.31 -1.10
C GLN B 110 -20.43 -6.98 -0.38
N SER B 111 -20.23 -7.04 0.93
CA SER B 111 -20.06 -5.88 1.81
C SER B 111 -21.33 -5.06 2.01
N ASN B 112 -22.49 -5.67 1.75
CA ASN B 112 -23.76 -5.10 2.18
C ASN B 112 -24.10 -5.44 3.62
N LEU B 113 -23.40 -6.42 4.23
CA LEU B 113 -23.65 -6.82 5.60
C LEU B 113 -22.37 -6.72 6.41
N ILE B 114 -22.55 -6.48 7.72
CA ILE B 114 -21.51 -6.62 8.73
C ILE B 114 -22.00 -7.61 9.78
N VAL B 115 -21.10 -8.48 10.22
CA VAL B 115 -21.36 -9.35 11.36
C VAL B 115 -20.51 -8.87 12.54
N SER B 116 -21.08 -8.93 13.75
CA SER B 116 -20.37 -8.55 14.96
C SER B 116 -20.59 -9.59 16.05
N GLY B 117 -19.63 -9.65 16.97
CA GLY B 117 -19.78 -10.46 18.16
C GLY B 117 -19.38 -9.64 19.39
N SER B 118 -20.02 -9.96 20.51
CA SER B 118 -19.94 -9.11 21.69
C SER B 118 -19.76 -9.90 22.97
N PHE B 119 -19.22 -9.20 23.97
CA PHE B 119 -19.26 -9.68 25.35
C PHE B 119 -20.70 -10.04 25.76
N ASP B 120 -21.70 -9.42 25.15
CA ASP B 120 -23.09 -9.69 25.50
C ASP B 120 -23.58 -11.06 25.02
N GLU B 121 -22.74 -11.85 24.37
CA GLU B 121 -22.97 -13.25 24.02
C GLU B 121 -23.79 -13.41 22.75
N SER B 122 -24.09 -12.33 22.05
CA SER B 122 -24.84 -12.37 20.82
C SER B 122 -23.91 -12.12 19.62
N VAL B 123 -24.38 -12.59 18.47
CA VAL B 123 -23.86 -12.23 17.16
C VAL B 123 -24.94 -11.39 16.49
N ARG B 124 -24.56 -10.25 15.91
CA ARG B 124 -25.52 -9.42 15.19
C ARG B 124 -25.11 -9.29 13.74
N ILE B 125 -26.12 -9.21 12.87
CA ILE B 125 -25.95 -9.00 11.45
C ILE B 125 -26.59 -7.66 11.12
N TRP B 126 -25.81 -6.78 10.49
CA TRP B 126 -26.20 -5.39 10.28
C TRP B 126 -26.25 -5.06 8.79
N ASP B 127 -27.19 -4.20 8.44
CA ASP B 127 -27.26 -3.67 7.08
C ASP B 127 -26.35 -2.46 6.94
N VAL B 128 -25.38 -2.54 6.04
CA VAL B 128 -24.39 -1.48 5.88
C VAL B 128 -25.04 -0.17 5.45
N LYS B 129 -25.96 -0.24 4.52
CA LYS B 129 -26.56 1.00 3.96
C LYS B 129 -27.42 1.73 4.99
N THR B 130 -28.24 1.02 5.74
CA THR B 130 -29.10 1.69 6.70
C THR B 130 -28.47 1.83 8.08
N GLY B 131 -27.46 1.02 8.38
CA GLY B 131 -26.89 1.04 9.71
C GLY B 131 -27.72 0.35 10.76
N LYS B 132 -28.77 -0.36 10.36
CA LYS B 132 -29.69 -0.99 11.30
C LYS B 132 -29.37 -2.47 11.45
N CYS B 133 -29.67 -3.00 12.63
CA CYS B 133 -29.47 -4.41 12.89
C CYS B 133 -30.56 -5.20 12.19
N LEU B 134 -30.16 -6.21 11.40
CA LEU B 134 -31.12 -7.07 10.74
C LEU B 134 -31.48 -8.29 11.58
N LYS B 135 -30.50 -8.89 12.24
CA LYS B 135 -30.73 -10.08 13.04
C LYS B 135 -29.85 -10.04 14.28
N THR B 136 -30.39 -10.53 15.39
CA THR B 136 -29.62 -10.78 16.60
C THR B 136 -29.68 -12.27 16.88
N LEU B 137 -28.53 -12.93 16.86
CA LEU B 137 -28.47 -14.37 17.08
C LEU B 137 -28.05 -14.63 18.51
N PRO B 138 -28.83 -15.42 19.28
CA PRO B 138 -28.43 -15.80 20.66
C PRO B 138 -27.37 -16.89 20.57
N ALA B 139 -26.17 -16.48 20.17
CA ALA B 139 -25.22 -17.42 19.58
C ALA B 139 -24.49 -18.26 20.61
N HIS B 140 -24.20 -17.69 21.78
CA HIS B 140 -23.28 -18.30 22.73
C HIS B 140 -23.72 -18.00 24.15
N SER B 141 -23.06 -18.65 25.11
CA SER B 141 -23.36 -18.48 26.53
C SER B 141 -22.21 -17.84 27.29
N ASP B 142 -21.30 -17.22 26.56
CA ASP B 142 -20.17 -16.46 27.09
C ASP B 142 -19.73 -15.51 25.98
N PRO B 143 -18.80 -14.59 26.25
CA PRO B 143 -18.42 -13.61 25.22
C PRO B 143 -18.03 -14.25 23.89
N VAL B 144 -18.42 -13.58 22.81
CA VAL B 144 -18.11 -14.02 21.46
C VAL B 144 -16.76 -13.45 21.07
N SER B 145 -15.81 -14.34 20.73
CA SER B 145 -14.44 -13.93 20.47
C SER B 145 -14.13 -13.66 19.00
N ALA B 146 -14.87 -14.24 18.06
CA ALA B 146 -14.59 -14.03 16.65
C ALA B 146 -15.84 -14.32 15.83
N VAL B 147 -15.97 -13.62 14.69
CA VAL B 147 -17.03 -13.85 13.71
C VAL B 147 -16.42 -13.66 12.33
N HIS B 148 -16.80 -14.52 11.39
CA HIS B 148 -16.21 -14.46 10.05
C HIS B 148 -17.20 -15.02 9.05
N PHE B 149 -17.31 -14.37 7.88
CA PHE B 149 -18.09 -14.89 6.77
C PHE B 149 -17.22 -15.79 5.90
N ASN B 150 -17.85 -16.81 5.31
CA ASN B 150 -17.15 -17.64 4.33
C ASN B 150 -17.04 -16.92 2.98
N ARG B 151 -16.54 -17.64 1.97
CA ARG B 151 -16.07 -17.02 0.73
C ARG B 151 -17.18 -16.30 -0.02
N ASP B 152 -18.42 -16.77 0.06
CA ASP B 152 -19.53 -16.11 -0.62
C ASP B 152 -20.46 -15.41 0.35
N GLY B 153 -20.16 -15.42 1.65
CA GLY B 153 -21.03 -14.80 2.63
C GLY B 153 -22.24 -15.61 3.05
N SER B 154 -22.42 -16.82 2.51
CA SER B 154 -23.61 -17.60 2.85
C SER B 154 -23.57 -18.16 4.26
N LEU B 155 -22.38 -18.24 4.87
CA LEU B 155 -22.21 -18.78 6.21
C LEU B 155 -21.43 -17.80 7.08
N ILE B 156 -21.72 -17.83 8.37
CA ILE B 156 -20.94 -17.16 9.41
C ILE B 156 -20.42 -18.23 10.35
N VAL B 157 -19.15 -18.14 10.74
CA VAL B 157 -18.63 -18.93 11.84
C VAL B 157 -18.40 -18.00 13.03
N SER B 158 -18.81 -18.45 14.23
CA SER B 158 -18.57 -17.71 15.46
C SER B 158 -17.87 -18.61 16.45
N SER B 159 -17.15 -17.98 17.37
CA SER B 159 -16.49 -18.70 18.45
C SER B 159 -16.70 -17.98 19.76
N SER B 160 -16.56 -18.71 20.87
CA SER B 160 -16.84 -18.12 22.16
C SER B 160 -16.02 -18.77 23.26
N TYR B 161 -15.86 -18.00 24.34
CA TYR B 161 -15.32 -18.53 25.58
C TYR B 161 -16.16 -19.66 26.15
N ASP B 162 -17.38 -19.86 25.66
CA ASP B 162 -18.18 -21.00 26.09
C ASP B 162 -17.63 -22.32 25.59
N GLY B 163 -16.60 -22.29 24.74
CA GLY B 163 -15.96 -23.49 24.23
C GLY B 163 -16.49 -23.98 22.90
N LEU B 164 -17.41 -23.26 22.29
CA LEU B 164 -18.05 -23.70 21.06
C LEU B 164 -17.65 -22.86 19.87
N CYS B 165 -17.63 -23.54 18.73
CA CYS B 165 -17.63 -22.93 17.41
CA CYS B 165 -17.61 -22.93 17.41
C CYS B 165 -18.95 -23.27 16.75
N ARG B 166 -19.62 -22.26 16.23
N ARG B 166 -19.62 -22.26 16.23
CA ARG B 166 -20.92 -22.50 15.57
CA ARG B 166 -20.92 -22.50 15.56
C ARG B 166 -20.92 -21.90 14.16
C ARG B 166 -20.92 -21.90 14.16
N ILE B 167 -21.62 -22.59 13.28
CA ILE B 167 -21.79 -22.16 11.90
C ILE B 167 -23.25 -21.78 11.69
N TRP B 168 -23.47 -20.60 11.13
CA TRP B 168 -24.79 -20.02 10.96
C TRP B 168 -25.08 -19.80 9.48
N ASP B 169 -26.32 -20.05 9.10
CA ASP B 169 -26.79 -19.67 7.78
C ASP B 169 -27.10 -18.18 7.79
N THR B 170 -26.37 -17.39 6.98
CA THR B 170 -26.52 -15.94 7.03
C THR B 170 -27.94 -15.50 6.74
N ALA B 171 -28.55 -16.08 5.71
CA ALA B 171 -29.83 -15.58 5.23
C ALA B 171 -30.92 -15.75 6.28
N SER B 172 -30.91 -16.87 7.01
CA SER B 172 -31.96 -17.16 7.99
C SER B 172 -31.55 -16.92 9.42
N GLY B 173 -30.25 -16.85 9.71
CA GLY B 173 -29.78 -16.78 11.07
C GLY B 173 -29.81 -18.09 11.83
N GLN B 174 -30.19 -19.19 11.20
CA GLN B 174 -30.30 -20.46 11.90
C GLN B 174 -28.94 -21.15 12.00
N CYS B 175 -28.74 -21.86 13.10
CA CYS B 175 -27.50 -22.58 13.31
C CYS B 175 -27.47 -23.86 12.48
N LEU B 176 -26.41 -24.02 11.70
CA LEU B 176 -26.23 -25.22 10.88
C LEU B 176 -25.38 -26.28 11.56
N LYS B 177 -24.44 -25.87 12.39
CA LYS B 177 -23.56 -26.87 13.03
C LYS B 177 -22.86 -26.27 14.25
N THR B 178 -22.68 -27.10 15.27
CA THR B 178 -21.81 -26.81 16.38
C THR B 178 -20.69 -27.83 16.36
N LEU B 179 -19.44 -27.38 16.26
CA LEU B 179 -18.32 -28.31 16.18
C LEU B 179 -18.20 -29.11 17.47
N ILE B 180 -18.05 -30.44 17.32
CA ILE B 180 -17.97 -31.33 18.46
C ILE B 180 -16.54 -31.46 18.97
N ASP B 183 -13.64 -31.95 24.70
CA ASP B 183 -13.37 -30.94 25.73
C ASP B 183 -13.78 -29.58 25.19
N ASN B 184 -13.97 -28.60 26.07
CA ASN B 184 -14.46 -27.28 25.65
C ASN B 184 -13.64 -26.14 26.26
N PRO B 185 -12.34 -26.11 26.04
CA PRO B 185 -11.58 -24.93 26.40
C PRO B 185 -12.13 -23.73 25.65
N PRO B 186 -12.01 -22.53 26.22
CA PRO B 186 -12.48 -21.33 25.51
C PRO B 186 -11.92 -21.28 24.10
N VAL B 187 -12.79 -20.99 23.13
CA VAL B 187 -12.37 -20.77 21.75
C VAL B 187 -12.17 -19.28 21.57
N SER B 188 -10.94 -18.88 21.32
CA SER B 188 -10.54 -17.48 21.34
C SER B 188 -10.46 -16.85 19.96
N PHE B 189 -10.55 -17.65 18.90
CA PHE B 189 -10.50 -17.13 17.55
C PHE B 189 -10.99 -18.21 16.60
N VAL B 190 -11.62 -17.79 15.51
CA VAL B 190 -12.02 -18.70 14.44
C VAL B 190 -12.10 -17.92 13.14
N LYS B 191 -11.82 -18.62 12.04
CA LYS B 191 -12.04 -18.06 10.68
C LYS B 191 -12.11 -19.22 9.67
N PHE B 192 -12.86 -18.98 8.60
CA PHE B 192 -12.88 -19.91 7.49
C PHE B 192 -11.56 -19.87 6.73
N SER B 193 -11.20 -21.01 6.15
CA SER B 193 -10.14 -21.06 5.16
C SER B 193 -10.58 -20.31 3.89
N PRO B 194 -9.63 -19.94 3.03
CA PRO B 194 -10.01 -19.19 1.81
C PRO B 194 -11.10 -19.85 0.99
N ASN B 195 -11.11 -21.18 0.90
CA ASN B 195 -12.13 -21.83 0.09
C ASN B 195 -13.43 -22.10 0.86
N GLY B 196 -13.45 -21.80 2.15
CA GLY B 196 -14.64 -21.99 2.96
C GLY B 196 -14.90 -23.40 3.42
N LYS B 197 -14.05 -24.36 3.06
CA LYS B 197 -14.29 -25.74 3.44
C LYS B 197 -13.73 -26.08 4.80
N TYR B 198 -12.77 -25.29 5.28
CA TYR B 198 -12.15 -25.57 6.60
C TYR B 198 -12.30 -24.37 7.51
N ILE B 199 -12.15 -24.63 8.79
CA ILE B 199 -12.24 -23.61 9.81
C ILE B 199 -11.01 -23.74 10.71
N LEU B 200 -10.32 -22.63 10.92
CA LEU B 200 -9.17 -22.57 11.79
C LEU B 200 -9.61 -21.96 13.12
N ALA B 201 -9.41 -22.70 14.21
CA ALA B 201 -9.91 -22.29 15.51
C ALA B 201 -8.79 -22.33 16.55
N ALA B 202 -8.67 -21.26 17.32
CA ALA B 202 -7.74 -21.21 18.44
C ALA B 202 -8.48 -21.45 19.74
N THR B 203 -7.88 -22.24 20.63
CA THR B 203 -8.39 -22.44 21.97
C THR B 203 -7.32 -22.04 22.98
N LEU B 204 -7.77 -21.63 24.17
CA LEU B 204 -6.86 -21.10 25.21
C LEU B 204 -6.09 -22.19 25.96
N ASP B 205 -5.78 -23.26 25.27
CA ASP B 205 -4.86 -24.28 25.74
C ASP B 205 -3.69 -24.39 24.77
N ASN B 206 -3.26 -23.26 24.21
CA ASN B 206 -2.06 -23.21 23.38
C ASN B 206 -2.19 -24.06 22.12
N THR B 207 -3.38 -24.08 21.52
CA THR B 207 -3.64 -25.00 20.41
C THR B 207 -4.45 -24.31 19.32
N LEU B 208 -4.00 -24.48 18.08
CA LEU B 208 -4.78 -24.15 16.89
C LEU B 208 -5.20 -25.45 16.21
N LYS B 209 -6.42 -25.48 15.69
CA LYS B 209 -6.97 -26.65 15.03
C LYS B 209 -7.59 -26.25 13.70
N LEU B 210 -7.35 -27.10 12.69
CA LEU B 210 -7.98 -26.95 11.39
C LEU B 210 -9.08 -28.01 11.30
N TRP B 211 -10.32 -27.55 11.22
CA TRP B 211 -11.49 -28.42 11.17
C TRP B 211 -12.02 -28.48 9.74
N ASP B 212 -12.40 -29.68 9.32
CA ASP B 212 -13.15 -29.83 8.09
C ASP B 212 -14.60 -29.51 8.40
N TYR B 213 -15.12 -28.43 7.82
CA TYR B 213 -16.49 -28.02 8.13
C TYR B 213 -17.50 -29.08 7.73
N SER B 214 -17.39 -29.61 6.51
CA SER B 214 -18.38 -30.57 6.03
C SER B 214 -18.43 -31.82 6.90
N LYS B 215 -17.28 -32.28 7.39
CA LYS B 215 -17.23 -33.54 8.21
C LYS B 215 -17.28 -33.27 9.71
N GLY B 216 -17.06 -32.02 10.13
CA GLY B 216 -17.04 -31.76 11.56
C GLY B 216 -15.91 -32.45 12.29
N LYS B 217 -14.76 -32.62 11.64
CA LYS B 217 -13.63 -33.37 12.18
C LYS B 217 -12.38 -32.53 12.13
N CYS B 218 -11.52 -32.67 13.14
CA CYS B 218 -10.25 -31.96 13.17
C CYS B 218 -9.24 -32.69 12.31
N LEU B 219 -8.62 -31.95 11.38
CA LEU B 219 -7.65 -32.52 10.45
C LEU B 219 -6.20 -32.20 10.80
N LYS B 220 -5.94 -31.05 11.42
CA LYS B 220 -4.59 -30.65 11.76
C LYS B 220 -4.62 -29.91 13.09
N THR B 221 -3.51 -30.00 13.82
N THR B 221 -3.54 -30.04 13.85
CA THR B 221 -3.30 -29.28 15.07
CA THR B 221 -3.33 -29.22 15.04
C THR B 221 -1.93 -28.61 15.03
C THR B 221 -1.97 -28.57 14.94
N TYR B 222 -1.88 -27.34 15.43
CA TYR B 222 -0.65 -26.56 15.42
C TYR B 222 -0.37 -26.14 16.85
N THR B 223 0.81 -26.49 17.36
CA THR B 223 1.15 -26.26 18.75
C THR B 223 2.57 -25.70 18.84
N GLY B 224 3.01 -25.42 20.06
CA GLY B 224 4.32 -24.88 20.32
C GLY B 224 4.33 -23.42 20.70
N HIS B 225 3.26 -22.69 20.38
CA HIS B 225 3.15 -21.29 20.75
C HIS B 225 2.43 -21.18 22.09
N LYS B 226 2.26 -19.96 22.53
CA LYS B 226 1.64 -19.71 23.86
C LYS B 226 0.36 -18.93 23.64
N ASN B 227 -0.75 -19.51 24.07
CA ASN B 227 -2.03 -18.82 23.95
C ASN B 227 -2.98 -19.38 25.02
N GLU B 228 -2.99 -18.73 26.18
N GLU B 228 -2.99 -18.74 26.19
CA GLU B 228 -3.86 -19.11 27.28
CA GLU B 228 -3.86 -19.12 27.28
C GLU B 228 -4.77 -17.99 27.75
C GLU B 228 -4.69 -17.97 27.83
N LYS B 229 -4.60 -16.78 27.23
CA LYS B 229 -5.34 -15.62 27.75
C LYS B 229 -6.05 -14.81 26.67
N TYR B 230 -5.37 -14.45 25.59
CA TYR B 230 -5.86 -13.43 24.69
C TYR B 230 -6.52 -14.02 23.44
N CYS B 231 -7.36 -13.21 22.81
N CYS B 231 -7.48 -13.27 22.90
CA CYS B 231 -7.97 -13.60 21.54
CA CYS B 231 -7.93 -13.50 21.53
C CYS B 231 -7.04 -13.19 20.39
C CYS B 231 -6.80 -13.11 20.61
N ILE B 232 -6.14 -14.11 20.03
CA ILE B 232 -5.05 -13.88 19.10
C ILE B 232 -5.49 -14.33 17.73
N PHE B 233 -5.38 -13.43 16.76
CA PHE B 233 -5.74 -13.75 15.39
C PHE B 233 -4.79 -14.80 14.82
N ALA B 234 -5.32 -15.61 13.91
CA ALA B 234 -4.53 -16.55 13.14
C ALA B 234 -4.91 -16.39 11.67
N ASN B 235 -4.02 -16.83 10.79
CA ASN B 235 -4.19 -16.58 9.36
C ASN B 235 -3.73 -17.76 8.54
N PHE B 236 -4.31 -17.87 7.35
CA PHE B 236 -3.81 -18.69 6.26
C PHE B 236 -2.94 -17.81 5.38
N SER B 237 -1.65 -18.14 5.27
CA SER B 237 -0.76 -17.45 4.35
C SER B 237 -0.70 -18.25 3.06
N VAL B 238 -1.03 -17.61 1.93
CA VAL B 238 -1.26 -18.32 0.67
C VAL B 238 -0.48 -17.74 -0.50
N THR B 239 0.25 -16.64 -0.31
CA THR B 239 0.88 -15.96 -1.44
C THR B 239 2.12 -16.67 -1.92
N GLY B 240 2.79 -17.41 -1.03
CA GLY B 240 3.98 -18.18 -1.33
C GLY B 240 3.74 -19.61 -0.86
N GLY B 241 4.57 -20.09 0.06
CA GLY B 241 4.26 -21.36 0.71
C GLY B 241 2.97 -21.27 1.51
N LYS B 242 2.38 -22.44 1.75
CA LYS B 242 1.09 -22.51 2.43
C LYS B 242 1.34 -22.66 3.93
N TRP B 243 1.20 -21.56 4.67
CA TRP B 243 1.50 -21.51 6.08
C TRP B 243 0.26 -21.18 6.91
N ILE B 244 0.35 -21.48 8.20
CA ILE B 244 -0.51 -20.90 9.23
C ILE B 244 0.34 -19.90 10.00
N VAL B 245 -0.22 -18.72 10.27
CA VAL B 245 0.49 -17.65 10.97
C VAL B 245 -0.34 -17.24 12.18
N SER B 246 0.33 -17.08 13.33
CA SER B 246 -0.34 -16.60 14.52
C SER B 246 0.60 -15.82 15.41
N GLY B 247 0.06 -14.89 16.17
CA GLY B 247 0.77 -14.31 17.29
C GLY B 247 0.85 -15.29 18.45
N SER B 248 1.48 -14.82 19.53
CA SER B 248 1.75 -15.70 20.66
C SER B 248 2.05 -14.84 21.88
N GLU B 249 1.77 -15.41 23.05
CA GLU B 249 1.98 -14.71 24.32
C GLU B 249 3.42 -14.74 24.78
N ASP B 250 4.32 -15.37 24.02
CA ASP B 250 5.75 -15.27 24.27
C ASP B 250 6.41 -14.21 23.39
N ASN B 251 5.61 -13.31 22.81
CA ASN B 251 6.07 -12.15 22.06
C ASN B 251 6.58 -12.48 20.66
N LEU B 252 6.31 -13.68 20.16
CA LEU B 252 6.79 -14.11 18.85
C LEU B 252 5.62 -14.27 17.88
N VAL B 253 5.94 -14.13 16.59
CA VAL B 253 5.04 -14.58 15.53
C VAL B 253 5.45 -16.00 15.15
N TYR B 254 4.50 -16.92 15.18
CA TYR B 254 4.73 -18.31 14.80
C TYR B 254 4.21 -18.55 13.39
N ILE B 255 4.99 -19.30 12.61
CA ILE B 255 4.60 -19.71 11.27
C ILE B 255 4.77 -21.23 11.20
N TRP B 256 3.70 -21.93 10.79
CA TRP B 256 3.73 -23.37 10.65
C TRP B 256 3.48 -23.75 9.20
N ASN B 257 4.07 -24.88 8.80
CA ASN B 257 3.68 -25.53 7.55
C ASN B 257 2.26 -26.09 7.71
N LEU B 258 1.33 -25.65 6.84
CA LEU B 258 -0.06 -26.05 7.00
C LEU B 258 -0.23 -27.57 6.97
N GLN B 259 0.47 -28.23 6.05
CA GLN B 259 0.27 -29.67 5.87
C GLN B 259 1.00 -30.48 6.93
N THR B 260 2.27 -30.16 7.19
CA THR B 260 3.06 -31.00 8.08
C THR B 260 2.92 -30.61 9.54
N LYS B 261 2.41 -29.42 9.82
CA LYS B 261 2.23 -28.88 11.17
C LYS B 261 3.54 -28.46 11.83
N GLU B 262 4.64 -28.52 11.11
N GLU B 262 4.65 -28.53 11.11
CA GLU B 262 5.93 -28.15 11.71
CA GLU B 262 5.94 -28.15 11.72
C GLU B 262 6.14 -26.64 11.77
C GLU B 262 6.13 -26.64 11.78
N ILE B 263 6.63 -26.16 12.91
CA ILE B 263 6.99 -24.75 12.99
C ILE B 263 8.15 -24.49 12.02
N VAL B 264 7.96 -23.52 11.13
CA VAL B 264 8.96 -23.20 10.13
C VAL B 264 9.66 -21.87 10.40
N GLN B 265 9.08 -20.98 11.18
CA GLN B 265 9.75 -19.73 11.52
C GLN B 265 9.09 -19.14 12.77
N LYS B 266 9.89 -18.47 13.55
CA LYS B 266 9.43 -17.69 14.73
C LYS B 266 10.04 -16.30 14.59
N LEU B 267 9.21 -15.28 14.48
CA LEU B 267 9.68 -13.92 14.24
C LEU B 267 9.86 -13.20 15.56
N GLN B 268 11.08 -12.75 15.83
CA GLN B 268 11.43 -12.10 17.07
C GLN B 268 11.56 -10.59 16.86
N GLY B 269 11.10 -9.82 17.84
CA GLY B 269 11.26 -8.38 17.80
C GLY B 269 10.29 -7.65 18.70
N HIS B 270 9.07 -8.15 18.81
CA HIS B 270 8.09 -7.50 19.67
C HIS B 270 8.47 -7.70 21.13
N THR B 271 8.01 -6.77 21.97
CA THR B 271 8.32 -6.77 23.40
C THR B 271 7.06 -6.94 24.24
N ASP B 272 5.98 -7.42 23.64
CA ASP B 272 4.78 -7.79 24.37
C ASP B 272 4.05 -8.82 23.52
N VAL B 273 2.96 -9.34 24.09
CA VAL B 273 2.13 -10.33 23.41
C VAL B 273 1.81 -9.86 21.99
N VAL B 274 2.01 -10.74 21.02
CA VAL B 274 1.62 -10.45 19.64
C VAL B 274 0.17 -10.88 19.51
N ILE B 275 -0.74 -9.91 19.62
CA ILE B 275 -2.17 -10.18 19.63
C ILE B 275 -2.74 -10.31 18.23
N SER B 276 -2.09 -9.73 17.23
CA SER B 276 -2.69 -9.73 15.90
C SER B 276 -1.61 -9.88 14.85
N THR B 277 -1.94 -10.67 13.84
CA THR B 277 -1.14 -10.81 12.64
C THR B 277 -2.08 -10.76 11.46
N ALA B 278 -1.56 -10.33 10.32
CA ALA B 278 -2.30 -10.31 9.08
C ALA B 278 -1.33 -10.65 7.95
N CYS B 279 -1.86 -11.29 6.92
CA CYS B 279 -1.08 -11.70 5.75
C CYS B 279 -1.55 -10.90 4.54
N HIS B 280 -0.60 -10.28 3.84
CA HIS B 280 -0.93 -9.46 2.70
C HIS B 280 -1.60 -10.29 1.60
N PRO B 281 -2.55 -9.72 0.85
CA PRO B 281 -3.31 -10.54 -0.11
C PRO B 281 -2.52 -11.01 -1.31
N THR B 282 -1.44 -10.35 -1.67
CA THR B 282 -0.69 -10.75 -2.92
C THR B 282 0.81 -10.92 -2.71
N GLU B 283 1.41 -10.14 -1.83
CA GLU B 283 2.87 -10.33 -1.63
C GLU B 283 3.08 -11.17 -0.35
N ASN B 284 4.29 -11.63 -0.11
CA ASN B 284 4.69 -12.40 1.10
C ASN B 284 5.08 -11.39 2.18
N ILE B 285 4.06 -10.74 2.72
CA ILE B 285 4.23 -9.71 3.73
C ILE B 285 3.31 -10.02 4.90
N ILE B 286 3.85 -9.96 6.12
CA ILE B 286 3.08 -10.13 7.34
C ILE B 286 3.11 -8.82 8.12
N ALA B 287 1.98 -8.44 8.69
CA ALA B 287 1.92 -7.40 9.71
C ALA B 287 1.64 -8.06 11.05
N SER B 288 2.31 -7.59 12.08
CA SER B 288 2.09 -8.08 13.44
C SER B 288 1.97 -6.89 14.36
N ALA B 289 1.25 -7.07 15.47
CA ALA B 289 1.03 -5.97 16.39
C ALA B 289 0.95 -6.50 17.81
N ALA B 290 1.35 -5.65 18.76
CA ALA B 290 1.58 -6.11 20.12
C ALA B 290 0.88 -5.25 21.16
N LEU B 291 0.83 -5.79 22.39
CA LEU B 291 0.16 -5.17 23.51
C LEU B 291 0.98 -4.01 24.07
N GLU B 292 0.56 -3.47 25.21
CA GLU B 292 0.87 -2.09 25.56
C GLU B 292 2.30 -1.85 26.03
N ASN B 293 3.08 -2.89 26.33
CA ASN B 293 4.50 -2.64 26.59
C ASN B 293 5.24 -2.29 25.30
N ASP B 294 4.65 -2.61 24.15
CA ASP B 294 5.27 -2.48 22.84
C ASP B 294 4.56 -1.41 22.01
N LYS B 295 3.27 -1.60 21.75
N LYS B 295 3.26 -1.59 21.76
CA LYS B 295 2.41 -0.63 21.07
CA LYS B 295 2.39 -0.64 21.07
C LYS B 295 2.77 -0.41 19.60
C LYS B 295 2.67 -0.50 19.58
N THR B 296 3.63 -1.23 19.02
CA THR B 296 4.02 -1.06 17.63
C THR B 296 3.46 -2.16 16.75
N ILE B 297 3.42 -1.83 15.45
CA ILE B 297 3.13 -2.77 14.38
C ILE B 297 4.43 -3.00 13.63
N LYS B 298 4.68 -4.26 13.25
CA LYS B 298 5.86 -4.58 12.48
C LYS B 298 5.45 -5.18 11.15
N LEU B 299 6.15 -4.78 10.09
CA LEU B 299 5.94 -5.32 8.76
C LEU B 299 7.15 -6.16 8.39
N TRP B 300 6.89 -7.37 7.89
CA TRP B 300 7.92 -8.35 7.59
C TRP B 300 7.73 -8.80 6.15
N LYS B 301 8.83 -9.19 5.49
CA LYS B 301 8.74 -9.67 4.12
C LYS B 301 9.59 -10.92 3.95
N SER B 302 9.10 -11.85 3.13
CA SER B 302 9.76 -13.12 2.87
C SER B 302 9.89 -13.31 1.36
N ASP B 303 10.90 -14.09 0.96
CA ASP B 303 11.04 -14.45 -0.45
C ASP B 303 10.09 -15.55 -0.88
N CYS B 304 9.48 -16.27 0.06
CA CYS B 304 8.56 -17.34 -0.28
C CYS B 304 7.51 -17.51 0.81
#